data_1RXZ
#
_entry.id   1RXZ
#
_cell.length_a   86.530
_cell.length_b   86.530
_cell.length_c   96.730
_cell.angle_alpha   90.00
_cell.angle_beta   90.00
_cell.angle_gamma   120.00
#
_symmetry.space_group_name_H-M   'H 3'
#
loop_
_entity.id
_entity.type
_entity.pdbx_description
1 polymer 'DNA polymerase sliding clamp'
2 polymer 'Flap structure-specific endonuclease'
3 water water
#
loop_
_entity_poly.entity_id
_entity_poly.type
_entity_poly.pdbx_seq_one_letter_code
_entity_poly.pdbx_strand_id
1 'polypeptide(L)'
;MIDVIMTGELLKTVTRAIVALVSEARIHFLEKGLHSRAVDPANVAMVIVDIPKDSFEVYNIDEEKTIGVDMDRIFDISKS
ISTKDLVELIVEDESTLKVKFGSVEYKVALIDPSAIRKEPRIPELELPAKIVMDAGEFKKAIAAADKISDQVIFRSDKEG
FRIEAKGDVDSIVFHMTETELIEFNGGEARSMFSVDYLKEFCKVAGSGDLLTIHLGTNYPVRLVFELVGGRAKVEYILAP
RIESE
;
A
2 'polypeptide(L)' KSTQATLERWF B
#
# COMPACT_ATOMS: atom_id res chain seq x y z
N MET A 1 -20.80 -15.64 9.82
CA MET A 1 -19.98 -15.62 11.07
C MET A 1 -18.53 -15.68 10.68
N ILE A 2 -17.98 -14.54 10.25
CA ILE A 2 -16.59 -14.49 9.85
C ILE A 2 -15.73 -15.19 10.90
N ASP A 3 -14.82 -16.02 10.42
CA ASP A 3 -13.92 -16.77 11.28
C ASP A 3 -12.68 -17.01 10.46
N VAL A 4 -11.74 -16.06 10.50
CA VAL A 4 -10.51 -16.20 9.74
C VAL A 4 -9.31 -16.42 10.63
N ILE A 5 -8.24 -16.95 10.05
CA ILE A 5 -6.99 -17.20 10.78
C ILE A 5 -5.85 -16.96 9.82
N MET A 6 -5.05 -15.96 10.17
CA MET A 6 -3.92 -15.59 9.35
C MET A 6 -2.70 -15.61 10.26
N THR A 7 -1.54 -15.42 9.68
CA THR A 7 -0.32 -15.38 10.46
C THR A 7 -0.25 -13.99 11.06
N GLY A 8 0.65 -13.79 12.02
CA GLY A 8 0.78 -12.48 12.63
C GLY A 8 1.34 -11.46 11.65
N GLU A 9 2.40 -11.85 10.93
CA GLU A 9 3.03 -10.96 9.97
C GLU A 9 2.06 -10.50 8.89
N LEU A 10 1.01 -11.29 8.67
CA LEU A 10 0.01 -10.97 7.65
C LEU A 10 -0.89 -9.83 8.07
N LEU A 11 -1.42 -9.91 9.30
CA LEU A 11 -2.30 -8.87 9.83
C LEU A 11 -1.52 -7.58 10.07
N LYS A 12 -0.31 -7.71 10.59
CA LYS A 12 0.56 -6.59 10.87
C LYS A 12 0.97 -5.83 9.60
N THR A 13 0.99 -6.52 8.47
CA THR A 13 1.37 -5.89 7.20
C THR A 13 0.24 -5.05 6.63
N VAL A 14 -0.97 -5.58 6.63
CA VAL A 14 -2.10 -4.85 6.10
C VAL A 14 -2.51 -3.68 6.99
N THR A 15 -2.71 -3.93 8.28
CA THR A 15 -3.13 -2.87 9.20
C THR A 15 -2.16 -1.70 9.13
N ARG A 16 -0.87 -1.99 8.94
CA ARG A 16 0.12 -0.93 8.84
C ARG A 16 -0.04 -0.17 7.52
N ALA A 17 -0.15 -0.89 6.41
CA ALA A 17 -0.30 -0.24 5.12
C ALA A 17 -1.56 0.64 5.05
N ILE A 18 -2.64 0.16 5.66
CA ILE A 18 -3.92 0.86 5.69
C ILE A 18 -3.81 2.10 6.59
N VAL A 19 -3.65 1.86 7.89
CA VAL A 19 -3.54 2.90 8.89
C VAL A 19 -2.41 3.88 8.56
N ALA A 20 -1.70 3.59 7.47
CA ALA A 20 -0.61 4.44 7.02
C ALA A 20 -1.16 5.65 6.30
N LEU A 21 -2.46 5.63 5.99
CA LEU A 21 -3.13 6.73 5.30
C LEU A 21 -4.50 7.03 5.92
N VAL A 22 -5.03 6.09 6.71
CA VAL A 22 -6.32 6.28 7.36
C VAL A 22 -6.26 5.81 8.81
N SER A 23 -7.32 6.08 9.58
CA SER A 23 -7.39 5.67 10.99
C SER A 23 -8.63 4.81 11.21
N GLU A 24 -9.38 4.62 10.13
CA GLU A 24 -10.59 3.82 10.18
C GLU A 24 -11.04 3.59 8.74
N ALA A 25 -10.97 2.33 8.33
CA ALA A 25 -11.35 1.96 6.99
C ALA A 25 -12.31 0.80 7.02
N ARG A 26 -13.10 0.68 5.95
CA ARG A 26 -14.06 -0.41 5.82
C ARG A 26 -13.27 -1.60 5.29
N ILE A 27 -13.46 -2.75 5.93
CA ILE A 27 -12.80 -3.97 5.51
C ILE A 27 -13.89 -4.83 4.89
N HIS A 28 -13.61 -5.38 3.72
CA HIS A 28 -14.56 -6.21 2.98
C HIS A 28 -14.21 -7.69 2.96
N PHE A 29 -15.03 -8.49 3.61
CA PHE A 29 -14.81 -9.92 3.63
C PHE A 29 -15.62 -10.50 2.47
N LEU A 30 -14.92 -10.76 1.36
CA LEU A 30 -15.51 -11.30 0.14
C LEU A 30 -15.31 -12.81 0.04
N GLU A 31 -15.80 -13.38 -1.05
CA GLU A 31 -15.67 -14.80 -1.28
C GLU A 31 -14.25 -15.12 -1.73
N LYS A 32 -13.67 -14.21 -2.52
CA LYS A 32 -12.31 -14.35 -3.04
C LYS A 32 -11.25 -14.02 -2.00
N GLY A 33 -11.69 -13.47 -0.87
CA GLY A 33 -10.75 -13.12 0.17
C GLY A 33 -11.07 -11.79 0.83
N LEU A 34 -10.06 -11.21 1.47
CA LEU A 34 -10.22 -9.94 2.16
C LEU A 34 -9.82 -8.72 1.34
N HIS A 35 -10.71 -7.72 1.31
CA HIS A 35 -10.44 -6.49 0.58
C HIS A 35 -10.64 -5.26 1.48
N SER A 36 -10.03 -4.16 1.10
CA SER A 36 -10.14 -2.91 1.86
C SER A 36 -9.35 -1.80 1.16
N ARG A 37 -10.03 -0.74 0.77
CA ARG A 37 -9.35 0.38 0.12
C ARG A 37 -9.78 1.73 0.70
N ALA A 38 -8.79 2.60 0.88
CA ALA A 38 -9.03 3.93 1.42
C ALA A 38 -8.01 4.97 0.93
N VAL A 39 -8.39 6.24 1.00
CA VAL A 39 -7.52 7.33 0.59
C VAL A 39 -7.27 8.12 1.86
N ASP A 40 -6.16 8.86 1.93
CA ASP A 40 -5.91 9.63 3.14
C ASP A 40 -6.82 10.85 3.17
N PRO A 41 -6.96 11.48 4.35
CA PRO A 41 -7.82 12.66 4.41
C PRO A 41 -7.36 13.73 3.40
N ALA A 42 -6.04 13.80 3.22
CA ALA A 42 -5.45 14.76 2.30
C ALA A 42 -5.95 14.60 0.85
N ASN A 43 -6.17 13.35 0.45
CA ASN A 43 -6.65 13.02 -0.91
C ASN A 43 -5.51 12.97 -1.91
N VAL A 44 -4.30 12.76 -1.42
CA VAL A 44 -3.11 12.68 -2.24
C VAL A 44 -2.77 11.23 -2.62
N ALA A 45 -2.91 10.32 -1.66
CA ALA A 45 -2.58 8.93 -1.90
C ALA A 45 -3.74 7.98 -1.65
N MET A 46 -3.66 6.79 -2.25
CA MET A 46 -4.68 5.75 -2.09
C MET A 46 -4.02 4.38 -1.85
N VAL A 47 -4.62 3.59 -0.97
CA VAL A 47 -4.10 2.26 -0.70
C VAL A 47 -5.18 1.25 -1.00
N ILE A 48 -4.79 0.15 -1.63
CA ILE A 48 -5.72 -0.91 -1.98
C ILE A 48 -5.04 -2.19 -1.56
N VAL A 49 -5.59 -2.84 -0.55
CA VAL A 49 -5.03 -4.10 -0.06
C VAL A 49 -5.91 -5.29 -0.42
N ASP A 50 -5.26 -6.38 -0.81
CA ASP A 50 -5.97 -7.60 -1.17
C ASP A 50 -5.30 -8.81 -0.53
N ILE A 51 -6.13 -9.69 0.00
CA ILE A 51 -5.64 -10.92 0.60
C ILE A 51 -6.55 -12.05 0.13
N PRO A 52 -6.16 -12.74 -0.95
CA PRO A 52 -7.02 -13.83 -1.42
C PRO A 52 -7.17 -14.86 -0.29
N LYS A 53 -8.29 -15.58 -0.27
CA LYS A 53 -8.54 -16.56 0.77
C LYS A 53 -7.48 -17.66 0.99
N ASP A 54 -6.58 -17.85 0.03
CA ASP A 54 -5.54 -18.88 0.16
C ASP A 54 -4.34 -18.46 0.99
N SER A 55 -4.37 -17.25 1.54
CA SER A 55 -3.29 -16.73 2.38
C SER A 55 -3.64 -16.99 3.85
N PHE A 56 -4.93 -17.18 4.10
CA PHE A 56 -5.45 -17.46 5.43
C PHE A 56 -5.25 -18.94 5.69
N GLU A 57 -5.14 -19.30 6.97
CA GLU A 57 -4.96 -20.70 7.38
C GLU A 57 -6.36 -21.21 7.70
N VAL A 58 -7.32 -20.51 7.09
CA VAL A 58 -8.74 -20.76 7.19
C VAL A 58 -9.41 -19.41 6.99
N TYR A 59 -10.53 -19.40 6.26
CA TYR A 59 -11.26 -18.18 5.98
C TYR A 59 -12.73 -18.59 5.87
N ASN A 60 -13.50 -18.34 6.93
CA ASN A 60 -14.91 -18.72 6.94
C ASN A 60 -15.92 -17.60 7.01
N ILE A 61 -16.56 -17.30 5.88
CA ILE A 61 -17.59 -16.27 5.85
C ILE A 61 -18.94 -16.93 5.64
N ASP A 62 -20.01 -16.29 6.10
CA ASP A 62 -21.36 -16.82 5.94
C ASP A 62 -22.19 -15.76 5.23
N GLU A 63 -21.58 -15.15 4.23
CA GLU A 63 -22.16 -14.07 3.41
C GLU A 63 -21.06 -13.00 3.37
N GLU A 64 -20.91 -12.33 2.22
CA GLU A 64 -19.90 -11.28 2.08
C GLU A 64 -20.32 -10.02 2.85
N LYS A 65 -19.75 -9.83 4.04
CA LYS A 65 -20.09 -8.69 4.87
C LYS A 65 -18.97 -7.65 4.98
N THR A 66 -19.35 -6.38 5.06
CA THR A 66 -18.39 -5.28 5.19
C THR A 66 -18.45 -4.75 6.61
N ILE A 67 -17.29 -4.56 7.21
CA ILE A 67 -17.26 -4.07 8.58
C ILE A 67 -16.44 -2.79 8.66
N GLY A 68 -16.86 -1.87 9.53
CA GLY A 68 -16.13 -0.64 9.69
C GLY A 68 -15.15 -0.89 10.81
N VAL A 69 -13.88 -1.05 10.45
CA VAL A 69 -12.87 -1.33 11.47
C VAL A 69 -12.03 -0.11 11.84
N ASP A 70 -11.96 0.16 13.14
CA ASP A 70 -11.18 1.27 13.66
C ASP A 70 -9.70 0.89 13.55
N MET A 71 -9.10 1.23 12.41
CA MET A 71 -7.71 0.91 12.10
C MET A 71 -6.64 1.28 13.12
N ASP A 72 -6.84 2.38 13.85
CA ASP A 72 -5.85 2.79 14.85
C ASP A 72 -5.71 1.81 16.01
N ARG A 73 -6.83 1.46 16.64
CA ARG A 73 -6.87 0.53 17.76
C ARG A 73 -6.39 -0.85 17.30
N ILE A 74 -6.73 -1.21 16.06
CA ILE A 74 -6.32 -2.48 15.48
C ILE A 74 -4.81 -2.51 15.31
N PHE A 75 -4.27 -1.43 14.72
CA PHE A 75 -2.84 -1.33 14.49
C PHE A 75 -2.13 -1.32 15.84
N ASP A 76 -2.68 -0.55 16.76
CA ASP A 76 -2.12 -0.42 18.10
C ASP A 76 -2.08 -1.76 18.84
N ILE A 77 -3.10 -2.59 18.64
CA ILE A 77 -3.16 -3.90 19.28
C ILE A 77 -2.22 -4.85 18.56
N SER A 78 -2.09 -4.66 17.26
CA SER A 78 -1.23 -5.51 16.44
C SER A 78 0.23 -5.56 16.88
N LYS A 79 0.66 -4.54 17.63
CA LYS A 79 2.05 -4.48 18.11
C LYS A 79 2.30 -5.51 19.22
N SER A 80 1.28 -6.29 19.53
CA SER A 80 1.37 -7.33 20.56
C SER A 80 1.48 -8.65 19.80
N ILE A 81 0.46 -8.90 18.98
CA ILE A 81 0.37 -10.09 18.15
C ILE A 81 1.77 -10.37 17.63
N SER A 82 2.24 -11.59 17.83
CA SER A 82 3.57 -11.96 17.37
C SER A 82 3.60 -12.32 15.90
N THR A 83 4.80 -12.37 15.33
CA THR A 83 4.99 -12.68 13.91
C THR A 83 4.58 -14.11 13.55
N LYS A 84 4.75 -15.03 14.50
CA LYS A 84 4.40 -16.42 14.29
C LYS A 84 3.11 -16.77 15.04
N ASP A 85 2.69 -15.88 15.92
CA ASP A 85 1.47 -16.06 16.70
C ASP A 85 0.24 -15.96 15.80
N LEU A 86 -0.24 -17.11 15.34
CA LEU A 86 -1.42 -17.15 14.50
C LEU A 86 -2.49 -16.29 15.17
N VAL A 87 -3.23 -15.54 14.37
CA VAL A 87 -4.28 -14.71 14.92
C VAL A 87 -5.61 -15.06 14.22
N GLU A 88 -6.65 -15.25 15.01
CA GLU A 88 -7.94 -15.56 14.44
C GLU A 88 -8.91 -14.39 14.63
N LEU A 89 -9.44 -13.90 13.52
CA LEU A 89 -10.38 -12.80 13.56
C LEU A 89 -11.79 -13.37 13.49
N ILE A 90 -12.63 -12.92 14.40
CA ILE A 90 -14.01 -13.40 14.45
C ILE A 90 -14.98 -12.24 14.53
N VAL A 91 -16.11 -12.41 13.86
CA VAL A 91 -17.18 -11.41 13.83
C VAL A 91 -18.48 -12.21 13.74
N GLU A 92 -18.82 -12.87 14.84
CA GLU A 92 -20.03 -13.66 14.92
C GLU A 92 -21.16 -12.78 15.44
N ASP A 93 -20.85 -11.51 15.61
CA ASP A 93 -21.84 -10.55 16.07
C ASP A 93 -21.75 -9.31 15.19
N GLU A 94 -22.53 -8.28 15.51
CA GLU A 94 -22.53 -7.07 14.73
C GLU A 94 -21.92 -5.84 15.41
N SER A 95 -21.59 -5.97 16.69
CA SER A 95 -21.03 -4.85 17.42
C SER A 95 -19.53 -4.91 17.66
N THR A 96 -18.95 -6.11 17.77
CA THR A 96 -17.52 -6.18 18.04
C THR A 96 -16.68 -7.14 17.19
N LEU A 97 -15.38 -6.95 17.29
CA LEU A 97 -14.40 -7.74 16.56
C LEU A 97 -13.43 -8.39 17.54
N LYS A 98 -13.47 -9.72 17.59
CA LYS A 98 -12.59 -10.47 18.46
C LYS A 98 -11.30 -10.79 17.74
N VAL A 99 -10.18 -10.50 18.40
CA VAL A 99 -8.88 -10.78 17.84
C VAL A 99 -8.21 -11.70 18.86
N LYS A 100 -7.95 -12.94 18.44
CA LYS A 100 -7.35 -13.93 19.33
C LYS A 100 -5.94 -14.32 18.90
N PHE A 101 -5.04 -14.40 19.87
CA PHE A 101 -3.65 -14.76 19.61
C PHE A 101 -2.96 -15.09 20.93
N GLY A 102 -2.54 -16.34 21.07
CA GLY A 102 -1.90 -16.75 22.30
C GLY A 102 -3.00 -16.92 23.32
N SER A 103 -2.80 -16.36 24.52
CA SER A 103 -3.80 -16.45 25.60
C SER A 103 -4.60 -15.16 25.73
N VAL A 104 -4.47 -14.30 24.72
CA VAL A 104 -5.18 -13.03 24.70
C VAL A 104 -6.28 -12.98 23.66
N GLU A 105 -7.43 -12.46 24.08
CA GLU A 105 -8.57 -12.27 23.20
C GLU A 105 -8.94 -10.80 23.37
N TYR A 106 -8.66 -10.03 22.34
CA TYR A 106 -8.95 -8.60 22.33
C TYR A 106 -10.29 -8.38 21.62
N LYS A 107 -11.11 -7.50 22.17
CA LYS A 107 -12.41 -7.22 21.60
C LYS A 107 -12.64 -5.73 21.41
N VAL A 108 -12.50 -5.26 20.18
CA VAL A 108 -12.71 -3.84 19.88
C VAL A 108 -14.06 -3.70 19.17
N ALA A 109 -14.85 -2.70 19.53
CA ALA A 109 -16.15 -2.51 18.91
C ALA A 109 -16.01 -2.09 17.45
N LEU A 110 -16.99 -2.45 16.63
CA LEU A 110 -16.99 -2.14 15.21
C LEU A 110 -17.64 -0.80 14.90
N ILE A 111 -17.40 -0.29 13.71
CA ILE A 111 -18.00 0.98 13.28
C ILE A 111 -19.00 0.71 12.17
N ASP A 112 -19.97 1.59 12.02
CA ASP A 112 -20.96 1.43 10.96
C ASP A 112 -20.17 1.63 9.68
N PRO A 113 -19.98 0.56 8.89
CA PRO A 113 -19.23 0.66 7.64
C PRO A 113 -19.61 1.86 6.78
N SER A 114 -20.88 2.24 6.83
CA SER A 114 -21.40 3.37 6.06
C SER A 114 -21.30 4.67 6.85
N ALA A 115 -20.65 4.60 8.01
CA ALA A 115 -20.46 5.76 8.87
C ALA A 115 -19.10 6.37 8.55
N ILE A 116 -18.26 5.59 7.87
CA ILE A 116 -16.92 6.03 7.48
C ILE A 116 -16.98 6.60 6.07
N ARG A 117 -16.05 7.49 5.73
CA ARG A 117 -16.03 8.06 4.39
C ARG A 117 -16.10 6.92 3.41
N LYS A 118 -16.92 7.06 2.37
CA LYS A 118 -17.04 6.01 1.38
C LYS A 118 -15.77 5.99 0.55
N GLU A 119 -15.21 4.81 0.39
CA GLU A 119 -13.97 4.62 -0.35
C GLU A 119 -14.00 5.11 -1.78
N PRO A 120 -12.82 5.40 -2.35
CA PRO A 120 -12.62 5.89 -3.71
C PRO A 120 -12.68 4.81 -4.79
N ARG A 121 -13.44 5.08 -5.85
CA ARG A 121 -13.54 4.12 -6.95
C ARG A 121 -12.12 3.86 -7.46
N ILE A 122 -11.72 2.59 -7.46
CA ILE A 122 -10.39 2.23 -7.95
C ILE A 122 -10.22 2.85 -9.34
N PRO A 123 -9.22 3.73 -9.50
CA PRO A 123 -8.98 4.39 -10.79
C PRO A 123 -8.82 3.45 -11.96
N GLU A 124 -9.03 3.98 -13.16
CA GLU A 124 -8.86 3.21 -14.39
C GLU A 124 -7.68 3.87 -15.08
N LEU A 125 -6.49 3.68 -14.51
CA LEU A 125 -5.28 4.27 -15.05
C LEU A 125 -4.60 3.45 -16.14
N GLU A 126 -4.16 4.16 -17.17
CA GLU A 126 -3.48 3.58 -18.31
C GLU A 126 -2.09 4.23 -18.30
N LEU A 127 -1.08 3.48 -17.87
CA LEU A 127 0.27 4.01 -17.77
C LEU A 127 1.27 3.35 -18.74
N PRO A 128 2.10 4.17 -19.40
CA PRO A 128 3.13 3.78 -20.37
C PRO A 128 4.18 2.76 -19.89
N ALA A 129 4.90 3.11 -18.83
CA ALA A 129 5.96 2.26 -18.28
C ALA A 129 5.49 1.30 -17.19
N LYS A 130 6.04 0.10 -17.21
CA LYS A 130 5.74 -0.93 -16.22
C LYS A 130 7.06 -1.53 -15.75
N ILE A 131 7.45 -1.18 -14.53
CA ILE A 131 8.70 -1.69 -13.99
C ILE A 131 8.44 -2.67 -12.86
N VAL A 132 9.16 -3.79 -12.91
CA VAL A 132 9.06 -4.81 -11.88
C VAL A 132 10.46 -4.95 -11.29
N MET A 133 10.56 -4.68 -9.99
CA MET A 133 11.84 -4.76 -9.31
C MET A 133 11.60 -5.22 -7.88
N ASP A 134 12.69 -5.32 -7.11
CA ASP A 134 12.62 -5.74 -5.73
C ASP A 134 12.26 -4.53 -4.88
N ALA A 135 11.42 -4.76 -3.88
CA ALA A 135 11.00 -3.69 -3.00
C ALA A 135 12.18 -3.15 -2.20
N GLY A 136 13.13 -4.02 -1.87
CA GLY A 136 14.30 -3.60 -1.12
C GLY A 136 15.17 -2.64 -1.89
N GLU A 137 15.50 -3.01 -3.12
CA GLU A 137 16.32 -2.16 -3.98
C GLU A 137 15.61 -0.82 -4.12
N PHE A 138 14.28 -0.86 -4.12
CA PHE A 138 13.44 0.33 -4.25
C PHE A 138 13.44 1.16 -2.97
N LYS A 139 13.26 0.50 -1.84
CA LYS A 139 13.25 1.17 -0.55
C LYS A 139 14.58 1.85 -0.30
N LYS A 140 15.63 1.34 -0.92
CA LYS A 140 16.98 1.88 -0.79
C LYS A 140 17.18 3.07 -1.72
N ALA A 141 16.36 3.13 -2.76
CA ALA A 141 16.41 4.23 -3.73
C ALA A 141 15.68 5.43 -3.14
N ILE A 142 14.67 5.14 -2.33
CA ILE A 142 13.90 6.20 -1.70
C ILE A 142 14.63 6.74 -0.48
N ALA A 143 15.19 5.85 0.33
CA ALA A 143 15.91 6.27 1.53
C ALA A 143 17.02 7.23 1.16
N ALA A 144 17.69 6.96 0.04
CA ALA A 144 18.79 7.80 -0.42
C ALA A 144 18.32 9.19 -0.90
N ALA A 145 17.21 9.23 -1.61
CA ALA A 145 16.66 10.48 -2.15
C ALA A 145 16.16 11.42 -1.07
N ASP A 146 15.80 10.85 0.07
CA ASP A 146 15.28 11.59 1.22
C ASP A 146 16.31 12.49 1.88
N LYS A 147 17.59 12.22 1.63
CA LYS A 147 18.65 13.03 2.20
C LYS A 147 18.92 14.20 1.27
N ILE A 148 18.63 14.01 -0.01
CA ILE A 148 18.88 15.06 -0.99
C ILE A 148 17.68 15.99 -1.17
N SER A 149 16.47 15.44 -1.14
CA SER A 149 15.30 16.28 -1.37
C SER A 149 13.97 15.77 -0.81
N ASP A 150 12.93 16.58 -1.03
CA ASP A 150 11.56 16.29 -0.60
C ASP A 150 10.84 15.65 -1.78
N GLN A 151 11.44 15.74 -2.96
CA GLN A 151 10.83 15.16 -4.13
C GLN A 151 11.81 14.35 -4.98
N VAL A 152 11.26 13.49 -5.81
CA VAL A 152 12.06 12.64 -6.68
C VAL A 152 11.41 12.53 -8.05
N ILE A 153 12.21 12.10 -9.03
CA ILE A 153 11.72 11.94 -10.39
C ILE A 153 11.83 10.50 -10.85
N PHE A 154 10.71 9.92 -11.26
CA PHE A 154 10.72 8.56 -11.79
C PHE A 154 10.80 8.78 -13.30
N ARG A 155 11.91 8.38 -13.88
CA ARG A 155 12.15 8.57 -15.32
C ARG A 155 12.29 7.20 -15.99
N SER A 156 11.43 6.94 -16.95
CA SER A 156 11.47 5.66 -17.66
C SER A 156 11.64 5.88 -19.16
N ASP A 157 12.44 5.02 -19.78
CA ASP A 157 12.69 5.07 -21.22
C ASP A 157 13.19 3.67 -21.57
N LYS A 158 13.91 3.52 -22.66
CA LYS A 158 14.41 2.20 -23.04
C LYS A 158 15.69 1.80 -22.29
N GLU A 159 16.51 2.79 -21.95
CA GLU A 159 17.77 2.53 -21.25
C GLU A 159 17.60 2.20 -19.77
N GLY A 160 16.38 1.90 -19.33
CA GLY A 160 16.19 1.55 -17.94
C GLY A 160 15.29 2.48 -17.14
N PHE A 161 15.12 2.14 -15.87
CA PHE A 161 14.29 2.91 -14.95
C PHE A 161 15.18 3.80 -14.11
N ARG A 162 14.79 5.06 -13.96
CA ARG A 162 15.58 6.00 -13.16
C ARG A 162 14.74 6.74 -12.11
N ILE A 163 15.37 6.97 -10.97
CA ILE A 163 14.77 7.70 -9.86
C ILE A 163 15.86 8.71 -9.49
N GLU A 164 15.53 10.00 -9.56
CA GLU A 164 16.53 11.05 -9.26
C GLU A 164 16.09 12.11 -8.24
N ALA A 165 17.06 12.59 -7.48
CA ALA A 165 16.83 13.62 -6.47
C ALA A 165 17.97 14.65 -6.53
N LYS A 166 17.63 15.92 -6.43
CA LYS A 166 18.64 16.96 -6.48
C LYS A 166 18.54 17.98 -5.35
N GLY A 167 19.70 18.39 -4.86
CA GLY A 167 19.79 19.39 -3.80
C GLY A 167 20.56 20.55 -4.41
N ASP A 168 20.89 21.55 -3.62
CA ASP A 168 21.63 22.69 -4.15
C ASP A 168 23.14 22.50 -4.11
N VAL A 169 23.57 21.34 -3.60
CA VAL A 169 25.00 21.01 -3.49
C VAL A 169 25.31 19.55 -3.88
N ASP A 170 24.26 18.77 -4.15
CA ASP A 170 24.46 17.37 -4.52
C ASP A 170 23.25 16.79 -5.25
N SER A 171 23.43 15.59 -5.80
CA SER A 171 22.37 14.90 -6.53
C SER A 171 22.60 13.39 -6.45
N ILE A 172 21.54 12.62 -6.65
CA ILE A 172 21.64 11.18 -6.59
C ILE A 172 20.73 10.56 -7.65
N VAL A 173 21.13 9.43 -8.22
CA VAL A 173 20.32 8.76 -9.23
C VAL A 173 20.40 7.26 -9.06
N PHE A 174 19.23 6.64 -9.05
CA PHE A 174 19.07 5.19 -8.95
C PHE A 174 18.67 4.67 -10.32
N HIS A 175 19.59 3.97 -10.98
CA HIS A 175 19.34 3.44 -12.32
C HIS A 175 19.50 1.95 -12.41
N MET A 176 18.59 1.32 -13.15
CA MET A 176 18.59 -0.11 -13.38
C MET A 176 18.13 -0.38 -14.81
N THR A 177 19.07 -0.77 -15.67
CA THR A 177 18.76 -1.07 -17.05
C THR A 177 17.73 -2.19 -17.05
N GLU A 178 17.04 -2.39 -18.18
CA GLU A 178 16.04 -3.43 -18.25
C GLU A 178 16.67 -4.79 -17.94
N THR A 179 17.98 -4.87 -18.19
CA THR A 179 18.76 -6.08 -17.97
C THR A 179 18.90 -6.44 -16.50
N GLU A 180 18.73 -5.46 -15.61
CA GLU A 180 18.82 -5.71 -14.17
C GLU A 180 17.48 -5.65 -13.45
N LEU A 181 16.45 -5.27 -14.18
CA LEU A 181 15.11 -5.21 -13.61
C LEU A 181 14.49 -6.58 -13.82
N ILE A 182 13.57 -6.95 -12.92
CA ILE A 182 12.88 -8.23 -13.06
C ILE A 182 12.15 -8.11 -14.39
N GLU A 183 11.31 -7.09 -14.52
CA GLU A 183 10.57 -6.87 -15.75
C GLU A 183 10.61 -5.39 -16.11
N PHE A 184 10.44 -5.10 -17.38
CA PHE A 184 10.45 -3.72 -17.84
C PHE A 184 9.89 -3.69 -19.25
N ASN A 185 8.88 -2.88 -19.48
CA ASN A 185 8.28 -2.79 -20.81
C ASN A 185 8.93 -1.64 -21.61
N GLY A 186 9.84 -0.91 -20.97
CA GLY A 186 10.55 0.17 -21.65
C GLY A 186 9.79 1.40 -22.09
N GLY A 187 8.54 1.52 -21.68
CA GLY A 187 7.76 2.69 -22.07
C GLY A 187 8.34 3.98 -21.51
N GLU A 188 8.13 5.09 -22.22
CA GLU A 188 8.62 6.39 -21.79
C GLU A 188 7.66 7.06 -20.81
N ALA A 189 8.16 7.38 -19.63
CA ALA A 189 7.34 8.02 -18.62
C ALA A 189 8.21 8.90 -17.72
N ARG A 190 7.60 9.95 -17.16
CA ARG A 190 8.30 10.86 -16.26
C ARG A 190 7.36 11.68 -15.40
N SER A 191 7.33 11.37 -14.11
CA SER A 191 6.50 12.07 -13.13
C SER A 191 7.30 12.35 -11.86
N MET A 192 7.00 13.45 -11.21
CA MET A 192 7.68 13.82 -9.97
C MET A 192 6.75 13.57 -8.78
N PHE A 193 7.32 13.18 -7.64
CA PHE A 193 6.53 12.91 -6.45
C PHE A 193 7.22 13.41 -5.18
N SER A 194 6.51 13.31 -4.06
CA SER A 194 7.06 13.74 -2.78
C SER A 194 7.64 12.53 -2.05
N VAL A 195 8.91 12.63 -1.70
CA VAL A 195 9.64 11.59 -0.99
C VAL A 195 8.90 11.25 0.30
N ASP A 196 8.17 12.22 0.83
CA ASP A 196 7.44 12.01 2.06
C ASP A 196 6.54 10.78 2.01
N TYR A 197 5.60 10.76 1.09
CA TYR A 197 4.72 9.61 0.93
C TYR A 197 5.51 8.37 0.54
N LEU A 198 6.34 8.49 -0.48
CA LEU A 198 7.13 7.36 -0.96
C LEU A 198 7.92 6.66 0.13
N LYS A 199 8.34 7.42 1.14
CA LYS A 199 9.09 6.86 2.25
C LYS A 199 8.15 6.15 3.22
N GLU A 200 6.91 6.65 3.28
CA GLU A 200 5.87 6.10 4.15
C GLU A 200 5.34 4.78 3.58
N PHE A 201 5.32 4.68 2.26
CA PHE A 201 4.85 3.49 1.57
C PHE A 201 5.86 2.38 1.78
N CYS A 202 7.14 2.75 1.70
CA CYS A 202 8.26 1.82 1.85
C CYS A 202 8.33 1.15 3.23
N LYS A 203 7.60 1.70 4.20
CA LYS A 203 7.61 1.14 5.55
C LYS A 203 6.95 -0.23 5.60
N VAL A 204 5.80 -0.35 4.93
CA VAL A 204 5.05 -1.61 4.92
C VAL A 204 5.72 -2.68 4.06
N ALA A 205 6.93 -2.40 3.57
CA ALA A 205 7.63 -3.37 2.73
C ALA A 205 9.14 -3.32 2.97
N GLY A 206 9.76 -4.50 2.83
CA GLY A 206 11.19 -4.59 3.02
C GLY A 206 11.82 -5.36 1.88
N SER A 207 13.14 -5.51 1.95
CA SER A 207 13.89 -6.22 0.93
C SER A 207 13.50 -7.70 0.84
N GLY A 208 13.44 -8.20 -0.38
CA GLY A 208 13.08 -9.59 -0.60
C GLY A 208 11.71 -9.73 -1.24
N ASP A 209 10.92 -8.66 -1.19
CA ASP A 209 9.57 -8.66 -1.79
C ASP A 209 9.70 -8.09 -3.18
N LEU A 210 8.64 -8.21 -3.99
CA LEU A 210 8.69 -7.64 -5.32
C LEU A 210 7.82 -6.38 -5.45
N LEU A 211 8.09 -5.60 -6.49
CA LEU A 211 7.33 -4.37 -6.68
C LEU A 211 7.12 -4.05 -8.13
N THR A 212 5.87 -3.82 -8.51
CA THR A 212 5.56 -3.44 -9.87
C THR A 212 5.20 -1.96 -9.76
N ILE A 213 5.76 -1.18 -10.68
CA ILE A 213 5.53 0.25 -10.72
C ILE A 213 4.93 0.63 -12.06
N HIS A 214 3.81 1.33 -11.99
CA HIS A 214 3.12 1.80 -13.18
C HIS A 214 3.33 3.30 -13.16
N LEU A 215 4.08 3.76 -14.15
CA LEU A 215 4.44 5.16 -14.27
C LEU A 215 3.99 5.73 -15.61
N GLY A 216 3.58 6.99 -15.58
CA GLY A 216 3.16 7.69 -16.79
C GLY A 216 3.81 9.04 -16.70
N THR A 217 3.37 10.00 -17.51
CA THR A 217 3.94 11.34 -17.49
C THR A 217 2.94 12.31 -16.91
N ASN A 218 3.28 12.88 -15.76
CA ASN A 218 2.39 13.82 -15.09
C ASN A 218 1.11 13.13 -14.67
N TYR A 219 1.24 11.88 -14.25
CA TYR A 219 0.14 11.04 -13.78
C TYR A 219 0.53 10.45 -12.43
N PRO A 220 -0.44 9.88 -11.71
CA PRO A 220 -0.07 9.31 -10.42
C PRO A 220 0.76 8.05 -10.65
N VAL A 221 1.34 7.52 -9.58
CA VAL A 221 2.12 6.30 -9.69
C VAL A 221 1.45 5.16 -8.90
N ARG A 222 1.46 3.96 -9.48
CA ARG A 222 0.89 2.77 -8.85
C ARG A 222 2.04 1.91 -8.34
N LEU A 223 2.02 1.64 -7.03
CA LEU A 223 3.05 0.84 -6.38
C LEU A 223 2.41 -0.41 -5.80
N VAL A 224 2.53 -1.50 -6.55
CA VAL A 224 1.94 -2.79 -6.16
C VAL A 224 2.98 -3.73 -5.56
N PHE A 225 2.86 -3.96 -4.26
CA PHE A 225 3.81 -4.82 -3.56
C PHE A 225 3.21 -6.19 -3.27
N GLU A 226 4.03 -7.22 -3.40
CA GLU A 226 3.64 -8.59 -3.11
C GLU A 226 4.25 -8.76 -1.71
N LEU A 227 3.45 -8.49 -0.69
CA LEU A 227 3.94 -8.57 0.68
C LEU A 227 3.65 -9.88 1.38
N VAL A 228 4.44 -10.18 2.42
CA VAL A 228 4.30 -11.40 3.20
C VAL A 228 4.48 -12.60 2.27
N GLY A 229 5.53 -12.54 1.46
CA GLY A 229 5.80 -13.61 0.52
C GLY A 229 4.60 -13.92 -0.34
N GLY A 230 4.27 -12.99 -1.24
CA GLY A 230 3.14 -13.16 -2.13
C GLY A 230 1.79 -13.51 -1.53
N ARG A 231 1.62 -13.35 -0.22
CA ARG A 231 0.34 -13.65 0.40
C ARG A 231 -0.57 -12.42 0.57
N ALA A 232 0.04 -11.24 0.50
CA ALA A 232 -0.70 -9.98 0.62
C ALA A 232 -0.28 -9.04 -0.50
N LYS A 233 -1.24 -8.43 -1.18
CA LYS A 233 -0.95 -7.49 -2.25
C LYS A 233 -1.37 -6.10 -1.81
N VAL A 234 -0.39 -5.24 -1.57
CA VAL A 234 -0.67 -3.87 -1.15
C VAL A 234 -0.32 -2.85 -2.22
N GLU A 235 -1.32 -2.13 -2.71
CA GLU A 235 -1.07 -1.12 -3.71
C GLU A 235 -1.25 0.29 -3.18
N TYR A 236 -0.28 1.12 -3.50
CA TYR A 236 -0.30 2.52 -3.12
C TYR A 236 -0.29 3.35 -4.39
N ILE A 237 -1.23 4.28 -4.48
CA ILE A 237 -1.33 5.16 -5.62
C ILE A 237 -1.12 6.60 -5.12
N LEU A 238 -0.05 7.22 -5.60
CA LEU A 238 0.29 8.57 -5.20
C LEU A 238 0.10 9.56 -6.34
N ALA A 239 -0.49 10.71 -6.02
CA ALA A 239 -0.72 11.73 -7.03
C ALA A 239 0.64 12.37 -7.30
N PRO A 240 0.87 12.84 -8.55
CA PRO A 240 2.14 13.47 -8.87
C PRO A 240 2.24 14.92 -8.47
N ARG A 241 3.47 15.44 -8.48
CA ARG A 241 3.71 16.85 -8.19
C ARG A 241 3.91 17.36 -9.60
N ILE A 242 2.99 18.18 -10.08
CA ILE A 242 3.08 18.69 -11.43
C ILE A 242 3.99 19.92 -11.53
N GLU A 243 4.91 19.85 -12.50
CA GLU A 243 5.87 20.92 -12.74
C GLU A 243 5.11 22.15 -13.22
N SER A 244 4.96 23.11 -12.33
CA SER A 244 4.24 24.35 -12.62
C SER A 244 5.09 25.35 -13.41
N GLU A 245 4.66 25.66 -14.63
CA GLU A 245 5.43 26.60 -15.44
C GLU A 245 5.08 28.06 -15.11
N LYS B 1 8.74 25.53 -11.06
CA LYS B 1 8.33 25.02 -9.72
C LYS B 1 7.43 23.80 -9.83
N SER B 2 7.08 23.22 -8.68
CA SER B 2 6.24 22.02 -8.66
C SER B 2 5.08 22.11 -7.68
N THR B 3 3.92 21.63 -8.12
CA THR B 3 2.73 21.65 -7.28
C THR B 3 2.16 20.25 -7.09
N GLN B 4 2.12 19.77 -5.85
CA GLN B 4 1.55 18.46 -5.57
C GLN B 4 0.11 18.50 -6.04
N ALA B 5 -0.27 17.58 -6.92
CA ALA B 5 -1.64 17.53 -7.40
C ALA B 5 -2.49 16.63 -6.51
N THR B 6 -3.76 16.48 -6.85
CA THR B 6 -4.66 15.65 -6.07
C THR B 6 -5.15 14.51 -6.97
N LEU B 7 -5.61 13.42 -6.36
CA LEU B 7 -6.08 12.25 -7.10
C LEU B 7 -7.47 12.43 -7.70
N GLU B 8 -8.14 13.50 -7.28
CA GLU B 8 -9.49 13.82 -7.74
C GLU B 8 -9.56 14.10 -9.25
N ARG B 9 -8.47 14.60 -9.79
CA ARG B 9 -8.38 14.94 -11.22
C ARG B 9 -8.37 13.68 -12.09
N TRP B 10 -7.88 12.57 -11.54
CA TRP B 10 -7.77 11.33 -12.29
C TRP B 10 -8.87 10.30 -12.04
N PHE B 11 -9.57 10.41 -10.93
CA PHE B 11 -10.66 9.48 -10.64
C PHE B 11 -11.90 9.82 -11.45
#